data_4DZA
#
_entry.id   4DZA
#
_cell.length_a   62.847
_cell.length_b   85.086
_cell.length_c   151.292
_cell.angle_alpha   90.00
_cell.angle_beta   90.00
_cell.angle_gamma   90.00
#
_symmetry.space_group_name_H-M   'C 2 2 21'
#
loop_
_entity.id
_entity.type
_entity.pdbx_description
1 polymer 'lysine racemase'
2 water water
#
_entity_poly.entity_id   1
_entity_poly.type   'polypeptide(L)'
_entity_poly.pdbx_seq_one_letter_code
;MSLGIRYLALLPLFVITACQQPVNYNPPATQVAQVQPAIVNNSWIEISRSALDFNVKKVQSLLGKQSSLCAVL(LLP)GD
AYGHDLSLVAPIMIENNVKCIGVTNNQELKEVRDLGFKGRLMRVRNATEQEMAQATNYNVEELIGDLDMAKRLDAIAKQQ
NKVIPIHLALNSGGMSRNGLEVDNKSGLEKAKQISQLANLKVVGIMSHYPEEDANKVREDLARFKQQSQQVLEVMGLERN
NVTLHMANTFATITVPESWLDMVRVGGIFYGDTIASTDYKRVMTFKSNIASINYYPKGNTVGYDRTYTLKRDSVLANIPV
GYADGYRRVFSNAGHALIAGQRVPVLGKTSMNTVIVDITSLNNIKPGDEVVFFGKQGNSEITAEEIEDISGALFTEMSIL
WGATNQRVLVD
;
_entity_poly.pdbx_strand_id   A
#
# COMPACT_ATOMS: atom_id res chain seq x y z
N PRO A 37 5.85 18.53 -25.48
CA PRO A 37 5.29 17.31 -26.12
C PRO A 37 5.37 16.09 -25.17
N ALA A 38 4.25 15.70 -24.57
CA ALA A 38 4.26 14.61 -23.57
C ALA A 38 4.65 13.34 -24.29
N ILE A 39 5.55 12.57 -23.70
CA ILE A 39 5.98 11.28 -24.33
C ILE A 39 4.81 10.31 -24.28
N VAL A 40 4.58 9.60 -25.39
CA VAL A 40 3.49 8.64 -25.50
C VAL A 40 3.82 7.38 -24.72
N ASN A 41 2.87 6.95 -23.92
CA ASN A 41 3.02 5.81 -23.02
C ASN A 41 2.64 4.54 -23.76
N ASN A 42 3.41 3.45 -23.60
CA ASN A 42 3.00 2.14 -24.08
C ASN A 42 1.75 1.68 -23.32
N SER A 43 1.73 1.98 -22.05
CA SER A 43 0.64 1.59 -21.18
C SER A 43 0.56 2.64 -20.09
N TRP A 44 -0.53 2.64 -19.34
CA TRP A 44 -0.69 3.60 -18.26
C TRP A 44 -1.72 3.13 -17.24
N ILE A 45 -1.59 3.70 -16.05
CA ILE A 45 -2.52 3.41 -14.97
C ILE A 45 -3.25 4.71 -14.64
N GLU A 46 -4.56 4.68 -14.86
CA GLU A 46 -5.48 5.80 -14.47
C GLU A 46 -5.73 5.75 -12.99
N ILE A 47 -5.57 6.90 -12.33
CA ILE A 47 -5.73 7.04 -10.91
C ILE A 47 -6.91 7.98 -10.73
N SER A 48 -8.01 7.42 -10.28
CA SER A 48 -9.27 8.20 -10.12
C SER A 48 -9.25 9.13 -8.93
N ARG A 49 -9.19 10.43 -9.20
CA ARG A 49 -9.09 11.39 -8.11
C ARG A 49 -10.43 11.32 -7.35
N SER A 50 -11.52 11.14 -8.06
CA SER A 50 -12.84 11.16 -7.40
C SER A 50 -13.02 9.97 -6.52
N ALA A 51 -12.57 8.79 -6.98
CA ALA A 51 -12.60 7.61 -6.08
C ALA A 51 -11.78 7.81 -4.77
N LEU A 52 -10.55 8.28 -4.89
CA LEU A 52 -9.73 8.54 -3.68
C LEU A 52 -10.42 9.53 -2.77
N ASP A 53 -10.89 10.64 -3.35
CA ASP A 53 -11.49 11.67 -2.53
C ASP A 53 -12.68 11.11 -1.79
N PHE A 54 -13.51 10.32 -2.49
CA PHE A 54 -14.63 9.57 -1.88
C PHE A 54 -14.20 8.73 -0.70
N ASN A 55 -13.10 8.01 -0.87
CA ASN A 55 -12.69 7.08 0.15
C ASN A 55 -12.16 7.79 1.40
N VAL A 56 -11.45 8.89 1.19
CA VAL A 56 -10.86 9.69 2.26
C VAL A 56 -12.03 10.25 3.08
N LYS A 57 -12.98 10.82 2.37
CA LYS A 57 -14.11 11.45 3.05
C LYS A 57 -14.94 10.43 3.83
N LYS A 58 -15.03 9.20 3.32
CA LYS A 58 -15.78 8.15 3.96
C LYS A 58 -15.13 7.67 5.27
N VAL A 59 -13.83 7.35 5.24
CA VAL A 59 -13.15 7.06 6.52
C VAL A 59 -13.29 8.19 7.51
N GLN A 60 -13.02 9.42 7.05
CA GLN A 60 -13.13 10.61 7.90
C GLN A 60 -14.52 10.68 8.54
N SER A 61 -15.54 10.43 7.73
CA SER A 61 -16.91 10.41 8.24
C SER A 61 -17.13 9.27 9.26
N LEU A 62 -16.59 8.06 8.99
CA LEU A 62 -16.72 6.93 9.92
C LEU A 62 -16.16 7.18 11.34
N LEU A 63 -14.99 7.84 11.43
CA LEU A 63 -14.34 8.11 12.72
C LEU A 63 -15.01 9.29 13.41
N GLY A 64 -15.41 10.29 12.62
CA GLY A 64 -15.91 11.55 13.17
C GLY A 64 -14.92 12.25 14.06
N LYS A 65 -15.34 12.58 15.28
CA LYS A 65 -14.46 13.27 16.22
C LYS A 65 -13.78 12.27 17.14
N GLN A 66 -14.07 10.98 16.96
CA GLN A 66 -13.35 9.92 17.68
C GLN A 66 -11.96 9.72 17.08
N SER A 67 -11.03 9.22 17.90
CA SER A 67 -9.68 8.81 17.42
C SER A 67 -9.04 9.90 16.54
N SER A 68 -8.31 9.48 15.50
CA SER A 68 -7.80 10.42 14.50
C SER A 68 -7.22 9.60 13.34
N LEU A 69 -7.06 10.24 12.19
CA LEU A 69 -6.64 9.53 10.98
C LEU A 69 -5.17 9.74 10.68
N CYS A 70 -4.45 8.63 10.62
CA CYS A 70 -3.11 8.64 10.00
C CYS A 70 -3.22 7.89 8.68
N ALA A 71 -2.99 8.63 7.60
CA ALA A 71 -3.00 8.03 6.26
C ALA A 71 -1.65 7.35 5.96
N VAL A 72 -1.70 6.08 5.75
CA VAL A 72 -0.43 5.31 5.53
C VAL A 72 -0.20 5.19 4.02
N LEU A 73 0.81 5.90 3.48
CA LEU A 73 0.95 6.05 2.06
C LEU A 73 2.23 5.37 1.61
N1 LLP A 74 0.47 0.29 10.17
C2 LLP A 74 1.68 -0.38 9.90
C2' LLP A 74 2.64 -0.45 11.02
C3 LLP A 74 1.88 -0.98 8.63
O3 LLP A 74 2.95 -1.66 8.37
C4 LLP A 74 0.86 -0.87 7.65
C4' LLP A 74 1.02 -1.43 6.25
C5 LLP A 74 -0.32 -0.15 7.94
C6 LLP A 74 -0.51 0.39 9.21
C5' LLP A 74 -1.44 -0.05 6.95
OP4 LLP A 74 -2.19 -1.30 6.73
P LLP A 74 -3.52 -1.41 5.86
OP1 LLP A 74 -4.49 -0.42 6.48
OP2 LLP A 74 -3.31 -1.15 4.43
OP3 LLP A 74 -3.87 -2.83 6.08
N LLP A 74 2.72 4.42 2.43
CA LLP A 74 3.92 3.62 2.03
CB LLP A 74 4.27 2.62 3.16
CG LLP A 74 3.27 1.46 3.28
CD LLP A 74 3.47 0.60 4.55
CE LLP A 74 2.40 -0.50 4.58
NZ LLP A 74 2.32 -1.25 5.88
C LLP A 74 3.75 2.87 0.70
O LLP A 74 2.65 2.77 0.18
N GLY A 75 4.85 2.29 0.16
CA GLY A 75 4.75 1.58 -1.09
C GLY A 75 4.32 2.49 -2.23
N ASP A 76 4.76 3.75 -2.20
CA ASP A 76 4.39 4.74 -3.25
C ASP A 76 2.83 4.88 -3.35
N ALA A 77 2.25 4.97 -2.17
CA ALA A 77 0.75 4.99 -1.99
C ALA A 77 0.13 3.72 -2.56
N TYR A 78 0.76 2.59 -2.21
CA TYR A 78 0.31 1.25 -2.66
C TYR A 78 0.28 1.15 -4.22
N GLY A 79 1.24 1.83 -4.89
CA GLY A 79 1.30 1.83 -6.34
C GLY A 79 0.52 2.95 -7.08
N HIS A 80 -0.26 3.74 -6.31
CA HIS A 80 -1.12 4.78 -6.85
C HIS A 80 -0.40 6.14 -7.06
N ASP A 81 0.81 6.24 -6.54
CA ASP A 81 1.76 7.39 -6.80
C ASP A 81 1.64 8.41 -5.64
N LEU A 82 2.67 8.43 -4.79
CA LEU A 82 2.66 9.30 -3.61
C LEU A 82 2.41 10.80 -4.04
N SER A 83 3.05 11.18 -5.17
CA SER A 83 2.88 12.51 -5.88
C SER A 83 1.43 12.88 -6.18
N LEU A 84 0.63 11.89 -6.50
CA LEU A 84 -0.81 12.06 -6.74
C LEU A 84 -1.69 11.95 -5.53
N VAL A 85 -1.38 11.01 -4.65
CA VAL A 85 -2.26 10.71 -3.51
C VAL A 85 -2.06 11.68 -2.33
N ALA A 86 -0.81 12.03 -2.02
CA ALA A 86 -0.57 12.91 -0.86
C ALA A 86 -1.31 14.29 -0.96
N PRO A 87 -1.23 14.96 -2.14
CA PRO A 87 -1.96 16.26 -2.24
C PRO A 87 -3.45 16.14 -1.95
N ILE A 88 -4.03 15.02 -2.33
CA ILE A 88 -5.42 14.73 -2.05
C ILE A 88 -5.71 14.55 -0.55
N MET A 89 -4.77 13.94 0.17
CA MET A 89 -4.85 13.87 1.64
C MET A 89 -4.75 15.29 2.25
N ILE A 90 -3.82 16.07 1.74
CA ILE A 90 -3.57 17.41 2.27
C ILE A 90 -4.78 18.29 2.06
N GLU A 91 -5.44 18.14 0.92
CA GLU A 91 -6.67 18.93 0.63
C GLU A 91 -7.87 18.53 1.51
N ASN A 92 -7.86 17.29 2.00
CA ASN A 92 -8.88 16.82 2.94
C ASN A 92 -8.50 17.03 4.43
N ASN A 93 -7.48 17.84 4.66
CA ASN A 93 -7.04 18.20 6.01
C ASN A 93 -6.59 16.99 6.82
N VAL A 94 -6.06 15.96 6.17
CA VAL A 94 -5.53 14.82 6.92
C VAL A 94 -4.34 15.36 7.70
N LYS A 95 -4.21 14.99 8.98
CA LYS A 95 -3.21 15.66 9.87
C LYS A 95 -1.98 14.80 10.20
N CYS A 96 -2.00 13.57 9.70
CA CYS A 96 -0.95 12.65 10.05
C CYS A 96 -0.80 11.72 8.86
N ILE A 97 0.45 11.49 8.48
CA ILE A 97 0.72 10.60 7.40
C ILE A 97 1.90 9.69 7.83
N GLY A 98 1.84 8.45 7.39
CA GLY A 98 2.92 7.46 7.66
C GLY A 98 3.47 6.92 6.36
N VAL A 99 4.78 6.97 6.21
CA VAL A 99 5.47 6.39 5.07
C VAL A 99 6.65 5.58 5.59
N THR A 100 7.50 5.07 4.69
CA THR A 100 8.66 4.32 5.18
C THR A 100 10.07 4.84 4.78
N ASN A 101 10.21 5.32 3.55
CA ASN A 101 11.58 5.68 3.04
C ASN A 101 11.85 7.15 3.20
N ASN A 102 13.14 7.52 3.31
CA ASN A 102 13.56 8.94 3.34
C ASN A 102 13.10 9.71 2.13
N GLN A 103 13.19 9.07 0.93
CA GLN A 103 12.62 9.67 -0.28
C GLN A 103 11.15 10.11 -0.08
N GLU A 104 10.33 9.21 0.50
CA GLU A 104 8.90 9.48 0.72
C GLU A 104 8.67 10.58 1.74
N LEU A 105 9.41 10.51 2.83
CA LEU A 105 9.39 11.50 3.87
C LEU A 105 9.75 12.87 3.27
N LYS A 106 10.85 12.95 2.52
CA LYS A 106 11.18 14.20 1.77
C LYS A 106 10.07 14.70 0.86
N GLU A 107 9.48 13.79 0.08
CA GLU A 107 8.47 14.14 -0.87
C GLU A 107 7.25 14.71 -0.18
N VAL A 108 6.80 14.04 0.89
CA VAL A 108 5.62 14.50 1.60
C VAL A 108 5.81 15.93 2.18
N ARG A 109 7.02 16.24 2.66
CA ARG A 109 7.31 17.61 3.13
C ARG A 109 7.33 18.58 1.95
N ASP A 110 8.06 18.21 0.91
CA ASP A 110 8.10 19.00 -0.35
C ASP A 110 6.68 19.34 -0.93
N LEU A 111 5.71 18.47 -0.72
CA LEU A 111 4.36 18.72 -1.24
C LEU A 111 3.56 19.65 -0.36
N GLY A 112 4.18 20.11 0.72
CA GLY A 112 3.59 21.11 1.62
C GLY A 112 2.87 20.51 2.81
N PHE A 113 3.11 19.23 3.13
CA PHE A 113 2.48 18.67 4.31
C PHE A 113 3.20 19.14 5.58
N LYS A 114 2.41 19.60 6.56
CA LYS A 114 2.91 20.36 7.71
C LYS A 114 2.74 19.61 9.01
N GLY A 115 1.89 18.58 8.97
CA GLY A 115 1.45 17.88 10.16
C GLY A 115 2.39 16.81 10.61
N ARG A 116 1.80 15.80 11.23
CA ARG A 116 2.54 14.81 11.97
C ARG A 116 3.00 13.78 10.96
N LEU A 117 4.32 13.54 10.88
CA LEU A 117 4.82 12.70 9.80
C LEU A 117 5.56 11.56 10.49
N MET A 118 5.08 10.34 10.28
CA MET A 118 5.60 9.17 11.01
C MET A 118 6.24 8.21 10.05
N ARG A 119 7.24 7.49 10.53
CA ARG A 119 7.80 6.31 9.78
C ARG A 119 7.22 5.04 10.40
N VAL A 120 6.56 4.25 9.58
CA VAL A 120 5.80 3.09 10.10
C VAL A 120 6.58 1.79 9.96
N ARG A 121 7.88 1.94 10.00
CA ARG A 121 8.87 0.77 10.17
C ARG A 121 10.11 1.20 10.92
N ASN A 122 10.74 0.25 11.63
CA ASN A 122 12.13 0.43 12.07
C ASN A 122 13.04 0.85 10.92
N ALA A 123 13.95 1.75 11.23
CA ALA A 123 14.86 2.38 10.24
C ALA A 123 16.30 2.39 10.82
N THR A 124 17.33 2.59 9.96
CA THR A 124 18.69 2.50 10.34
C THR A 124 19.16 3.87 10.87
N GLU A 125 20.32 3.90 11.49
CA GLU A 125 20.90 5.14 11.97
C GLU A 125 21.08 6.10 10.80
N GLN A 126 21.71 5.61 9.71
CA GLN A 126 21.91 6.42 8.49
C GLN A 126 20.61 7.09 8.07
N GLU A 127 19.52 6.29 8.06
CA GLU A 127 18.20 6.79 7.69
C GLU A 127 17.68 7.82 8.65
N MET A 128 17.72 7.48 9.95
CA MET A 128 17.14 8.33 10.97
C MET A 128 17.93 9.67 11.13
N ALA A 129 19.25 9.61 10.97
CA ALA A 129 20.11 10.85 11.13
C ALA A 129 19.83 11.86 10.03
N GLN A 130 19.64 11.38 8.81
CA GLN A 130 19.27 12.25 7.74
C GLN A 130 17.84 12.72 7.95
N ALA A 131 16.96 11.83 8.43
CA ALA A 131 15.50 12.13 8.46
C ALA A 131 15.02 13.20 9.46
N THR A 132 15.90 13.63 10.35
CA THR A 132 15.57 14.83 11.17
C THR A 132 15.31 16.05 10.27
N ASN A 133 15.87 16.03 9.07
CA ASN A 133 15.64 17.08 8.04
C ASN A 133 14.17 17.28 7.77
N TYR A 134 13.37 16.23 8.00
CA TYR A 134 11.95 16.23 7.66
C TYR A 134 11.08 16.09 8.89
N ASN A 135 11.66 16.19 10.10
CA ASN A 135 10.86 16.25 11.34
C ASN A 135 9.97 15.02 11.48
N VAL A 136 10.59 13.87 11.46
CA VAL A 136 9.84 12.63 11.43
C VAL A 136 9.81 12.00 12.81
N GLU A 137 8.68 11.37 13.13
CA GLU A 137 8.57 10.56 14.34
C GLU A 137 8.91 9.14 13.98
N GLU A 138 9.97 8.64 14.57
CA GLU A 138 10.52 7.36 14.20
C GLU A 138 9.80 6.25 14.97
N LEU A 139 10.07 4.99 14.58
CA LEU A 139 9.41 3.81 15.17
C LEU A 139 10.45 2.93 15.75
N ILE A 140 10.49 2.90 17.08
CA ILE A 140 11.58 2.24 17.83
C ILE A 140 10.95 1.10 18.67
N GLY A 141 11.56 -0.09 18.59
CA GLY A 141 11.03 -1.29 19.28
C GLY A 141 12.16 -2.08 19.98
N ASP A 142 13.33 -1.45 20.13
CA ASP A 142 14.54 -2.07 20.81
C ASP A 142 15.38 -1.01 21.51
N LEU A 143 15.95 -1.36 22.67
CA LEU A 143 16.67 -0.40 23.50
C LEU A 143 17.99 0.02 22.85
N ASP A 144 18.67 -0.90 22.17
CA ASP A 144 19.94 -0.53 21.53
C ASP A 144 19.63 0.52 20.45
N MET A 145 18.57 0.29 19.68
CA MET A 145 18.20 1.23 18.62
C MET A 145 17.72 2.53 19.23
N ALA A 146 17.06 2.45 20.36
CA ALA A 146 16.67 3.65 21.08
C ALA A 146 17.94 4.42 21.51
N LYS A 147 18.91 3.71 22.14
CA LYS A 147 20.23 4.34 22.48
C LYS A 147 20.94 4.93 21.26
N ARG A 148 20.93 4.22 20.13
CA ARG A 148 21.60 4.73 18.94
C ARG A 148 20.91 5.97 18.37
N LEU A 149 19.58 5.99 18.43
CA LEU A 149 18.85 7.15 17.97
C LEU A 149 19.09 8.31 18.93
N ASP A 150 19.15 7.99 20.21
CA ASP A 150 19.37 9.02 21.20
C ASP A 150 20.79 9.64 21.01
N ALA A 151 21.76 8.83 20.63
CA ALA A 151 23.13 9.32 20.34
C ALA A 151 23.15 10.26 19.14
N ILE A 152 22.37 9.92 18.10
CA ILE A 152 22.17 10.76 16.93
C ILE A 152 21.50 12.09 17.35
N ALA A 153 20.44 12.03 18.14
CA ALA A 153 19.81 13.28 18.58
C ALA A 153 20.82 14.13 19.38
N LYS A 154 21.61 13.50 20.26
CA LYS A 154 22.62 14.30 21.04
C LYS A 154 23.63 14.93 20.07
N GLN A 155 24.01 14.17 19.04
CA GLN A 155 24.99 14.63 18.05
C GLN A 155 24.49 15.84 17.23
N GLN A 156 23.16 15.92 17.02
CA GLN A 156 22.50 17.02 16.28
C GLN A 156 21.85 18.07 17.15
N ASN A 157 22.01 17.95 18.48
CA ASN A 157 21.40 18.89 19.45
C ASN A 157 19.88 18.95 19.30
N LYS A 158 19.26 17.79 19.27
CA LYS A 158 17.80 17.68 19.14
C LYS A 158 17.24 16.71 20.18
N VAL A 159 15.94 16.83 20.42
CA VAL A 159 15.16 15.79 21.03
C VAL A 159 14.23 15.19 19.97
N ILE A 160 14.44 13.92 19.64
CA ILE A 160 13.78 13.30 18.45
C ILE A 160 12.52 12.57 18.95
N PRO A 161 11.33 12.89 18.37
CA PRO A 161 10.10 12.19 18.76
C PRO A 161 10.09 10.74 18.26
N ILE A 162 9.58 9.82 19.10
CA ILE A 162 9.45 8.44 18.70
C ILE A 162 8.05 7.88 19.07
N HIS A 163 7.67 6.83 18.35
CA HIS A 163 6.57 5.92 18.71
C HIS A 163 7.23 4.65 19.19
N LEU A 164 6.93 4.23 20.42
CA LEU A 164 7.50 2.97 20.96
C LEU A 164 6.64 1.83 20.46
N ALA A 165 7.24 0.92 19.69
CA ALA A 165 6.49 -0.19 19.09
C ALA A 165 6.58 -1.35 20.07
N LEU A 166 5.42 -1.92 20.35
CA LEU A 166 5.38 -3.09 21.22
C LEU A 166 4.98 -4.29 20.39
N ASN A 167 5.29 -5.49 20.89
CA ASN A 167 4.96 -6.69 20.22
C ASN A 167 3.69 -7.31 20.74
N SER A 168 2.78 -6.50 21.29
CA SER A 168 1.48 -6.96 21.78
C SER A 168 0.71 -7.81 20.76
N GLY A 169 0.64 -7.35 19.50
CA GLY A 169 -0.04 -8.10 18.43
C GLY A 169 0.63 -9.42 18.10
N GLY A 170 1.95 -9.47 18.22
CA GLY A 170 2.73 -10.68 18.00
C GLY A 170 3.52 -10.78 16.70
N MET A 171 3.71 -9.66 15.98
CA MET A 171 4.41 -9.65 14.69
C MET A 171 5.84 -10.11 14.77
N SER A 172 6.46 -9.83 15.92
CA SER A 172 7.89 -9.99 16.17
C SER A 172 8.63 -9.37 15.02
N ARG A 173 8.16 -8.16 14.66
CA ARG A 173 8.69 -7.45 13.51
C ARG A 173 9.37 -6.15 14.01
N ASN A 174 8.59 -5.10 14.22
CA ASN A 174 9.17 -3.85 14.65
C ASN A 174 9.19 -3.63 16.17
N GLY A 175 8.55 -4.52 16.94
CA GLY A 175 8.14 -4.19 18.31
C GLY A 175 8.81 -4.90 19.48
N LEU A 176 8.95 -4.20 20.57
CA LEU A 176 9.56 -4.68 21.80
C LEU A 176 8.62 -5.68 22.46
N GLU A 177 9.16 -6.87 22.82
CA GLU A 177 8.42 -7.79 23.67
C GLU A 177 8.34 -7.28 25.13
N VAL A 178 7.14 -6.99 25.61
CA VAL A 178 6.97 -6.44 26.96
C VAL A 178 6.00 -7.36 27.74
N ASP A 179 6.08 -8.64 27.39
CA ASP A 179 5.38 -9.80 28.01
C ASP A 179 5.61 -9.93 29.53
N ASN A 180 6.68 -9.32 30.04
CA ASN A 180 7.08 -9.50 31.43
C ASN A 180 7.89 -8.34 32.01
N LYS A 181 8.40 -8.56 33.23
CA LYS A 181 9.17 -7.58 34.01
C LYS A 181 10.40 -7.04 33.27
N SER A 182 11.13 -7.94 32.63
CA SER A 182 12.36 -7.54 32.00
C SER A 182 12.17 -6.83 30.67
N GLY A 183 11.11 -7.17 29.94
CA GLY A 183 10.76 -6.39 28.75
C GLY A 183 10.33 -4.98 29.16
N LEU A 184 9.59 -4.91 30.28
CA LEU A 184 9.13 -3.62 30.78
C LEU A 184 10.32 -2.83 31.24
N GLU A 185 11.36 -3.51 31.72
CA GLU A 185 12.56 -2.81 32.17
C GLU A 185 13.29 -2.14 31.00
N LYS A 186 13.26 -2.78 29.86
CA LYS A 186 13.82 -2.19 28.62
C LYS A 186 13.09 -0.91 28.26
N ALA A 187 11.76 -0.92 28.40
CA ALA A 187 10.92 0.26 28.16
C ALA A 187 11.20 1.36 29.16
N LYS A 188 11.39 1.00 30.42
CA LYS A 188 11.87 1.98 31.39
C LYS A 188 13.21 2.62 30.99
N GLN A 189 14.16 1.81 30.54
CA GLN A 189 15.43 2.39 30.11
C GLN A 189 15.23 3.36 28.93
N ILE A 190 14.30 3.03 28.04
CA ILE A 190 14.06 3.88 26.86
C ILE A 190 13.52 5.23 27.33
N SER A 191 12.67 5.21 28.35
CA SER A 191 12.11 6.44 28.93
C SER A 191 13.16 7.32 29.63
N GLN A 192 14.31 6.77 29.97
CA GLN A 192 15.41 7.56 30.60
C GLN A 192 16.37 8.25 29.62
N LEU A 193 16.13 8.07 28.33
CA LEU A 193 16.95 8.68 27.29
C LEU A 193 16.47 10.13 27.05
N ALA A 194 17.38 11.07 27.37
CA ALA A 194 17.04 12.46 27.50
C ALA A 194 16.77 13.16 26.15
N ASN A 195 17.19 12.55 25.06
CA ASN A 195 17.07 13.19 23.75
C ASN A 195 16.14 12.43 22.79
N LEU A 196 15.30 11.55 23.36
CA LEU A 196 14.07 11.09 22.70
C LEU A 196 12.87 11.60 23.48
N LYS A 197 11.75 11.76 22.79
CA LYS A 197 10.46 11.98 23.40
C LYS A 197 9.45 10.99 22.86
N VAL A 198 8.87 10.20 23.77
CA VAL A 198 7.87 9.25 23.40
C VAL A 198 6.51 9.90 23.21
N VAL A 199 6.13 10.08 21.95
CA VAL A 199 4.90 10.77 21.60
C VAL A 199 3.79 9.73 21.30
N GLY A 200 4.18 8.44 21.20
CA GLY A 200 3.24 7.43 20.87
C GLY A 200 3.67 6.02 21.30
N ILE A 201 2.70 5.16 21.47
CA ILE A 201 2.99 3.75 21.77
C ILE A 201 2.06 2.94 20.89
N MET A 202 2.58 1.93 20.18
CA MET A 202 1.79 1.27 19.14
C MET A 202 2.03 -0.24 19.10
N SER A 203 1.06 -0.96 18.54
CA SER A 203 1.27 -2.31 18.03
C SER A 203 0.53 -2.49 16.69
N HIS A 204 0.36 -3.74 16.24
CA HIS A 204 -0.08 -4.02 14.89
C HIS A 204 -0.57 -5.45 14.91
N TYR A 205 -1.68 -5.70 14.23
CA TYR A 205 -2.36 -7.00 14.18
C TYR A 205 -1.79 -7.88 13.07
N PRO A 206 -1.42 -9.12 13.41
CA PRO A 206 -0.95 -10.06 12.44
C PRO A 206 -2.05 -10.67 11.55
N GLU A 207 -3.30 -10.69 12.02
CA GLU A 207 -4.34 -11.50 11.35
C GLU A 207 -5.59 -10.67 11.19
N GLU A 208 -6.08 -10.56 9.96
CA GLU A 208 -7.35 -9.90 9.67
C GLU A 208 -8.55 -10.81 10.04
N ASP A 209 -8.77 -10.99 11.34
CA ASP A 209 -9.87 -11.78 11.88
C ASP A 209 -10.39 -11.07 13.11
N ALA A 210 -11.67 -10.73 13.11
CA ALA A 210 -12.20 -9.86 14.15
C ALA A 210 -11.92 -10.37 15.57
N ASN A 211 -12.01 -11.67 15.77
CA ASN A 211 -11.78 -12.19 17.09
C ASN A 211 -10.33 -12.20 17.52
N LYS A 212 -9.43 -12.48 16.57
CA LYS A 212 -8.00 -12.42 16.87
C LYS A 212 -7.59 -10.97 17.10
N VAL A 213 -8.15 -10.05 16.31
CA VAL A 213 -8.08 -8.62 16.62
C VAL A 213 -8.52 -8.25 18.06
N ARG A 214 -9.68 -8.72 18.49
CA ARG A 214 -10.13 -8.40 19.84
C ARG A 214 -9.19 -8.89 20.94
N GLU A 215 -8.68 -10.11 20.79
CA GLU A 215 -7.68 -10.67 21.67
C GLU A 215 -6.39 -9.80 21.77
N ASP A 216 -5.79 -9.53 20.61
CA ASP A 216 -4.56 -8.76 20.55
C ASP A 216 -4.83 -7.37 21.09
N LEU A 217 -6.01 -6.86 20.83
CA LEU A 217 -6.39 -5.56 21.38
C LEU A 217 -6.35 -5.56 22.93
N ALA A 218 -6.93 -6.58 23.54
CA ALA A 218 -6.96 -6.62 24.99
C ALA A 218 -5.55 -6.71 25.54
N ARG A 219 -4.72 -7.50 24.87
CA ARG A 219 -3.28 -7.65 25.20
C ARG A 219 -2.50 -6.32 25.09
N PHE A 220 -2.78 -5.55 24.03
CA PHE A 220 -2.13 -4.26 23.85
C PHE A 220 -2.60 -3.26 24.91
N LYS A 221 -3.89 -3.24 25.20
CA LYS A 221 -4.41 -2.28 26.14
C LYS A 221 -3.79 -2.54 27.53
N GLN A 222 -3.69 -3.82 27.89
CA GLN A 222 -3.02 -4.24 29.13
C GLN A 222 -1.52 -3.92 29.13
N GLN A 223 -0.81 -4.26 28.06
CA GLN A 223 0.64 -4.03 28.06
C GLN A 223 0.98 -2.56 27.99
N SER A 224 0.25 -1.81 27.16
CA SER A 224 0.56 -0.39 27.00
C SER A 224 0.33 0.37 28.31
N GLN A 225 -0.66 -0.07 29.08
CA GLN A 225 -0.88 0.43 30.44
C GLN A 225 0.36 0.29 31.31
N GLN A 226 0.89 -0.92 31.42
CA GLN A 226 2.09 -1.12 32.24
C GLN A 226 3.24 -0.31 31.72
N VAL A 227 3.33 -0.22 30.41
CA VAL A 227 4.44 0.49 29.77
C VAL A 227 4.38 1.96 30.16
N LEU A 228 3.20 2.58 30.01
CA LEU A 228 3.01 3.99 30.44
C LEU A 228 3.47 4.17 31.92
N GLU A 229 3.02 3.25 32.77
CA GLU A 229 3.41 3.21 34.18
C GLU A 229 4.96 3.15 34.39
N VAL A 230 5.63 2.17 33.80
CA VAL A 230 7.09 2.03 34.04
C VAL A 230 7.91 3.14 33.40
N MET A 231 7.35 3.74 32.36
CA MET A 231 7.99 4.84 31.67
C MET A 231 7.74 6.23 32.26
N GLY A 232 6.79 6.34 33.20
CA GLY A 232 6.52 7.63 33.85
C GLY A 232 5.79 8.58 32.92
N LEU A 233 5.05 8.02 31.97
CA LEU A 233 4.38 8.84 30.96
C LEU A 233 2.90 9.04 31.28
N GLU A 234 2.37 10.19 30.95
CA GLU A 234 0.94 10.42 31.09
C GLU A 234 0.21 9.92 29.85
N ARG A 235 -0.82 9.10 30.07
CA ARG A 235 -1.64 8.54 28.97
C ARG A 235 -2.15 9.63 28.05
N ASN A 236 -2.46 10.80 28.62
CA ASN A 236 -2.95 11.92 27.84
C ASN A 236 -1.94 12.67 26.97
N ASN A 237 -0.65 12.42 27.16
CA ASN A 237 0.36 12.99 26.27
C ASN A 237 0.94 11.99 25.26
N VAL A 238 0.37 10.79 25.19
CA VAL A 238 0.90 9.72 24.36
C VAL A 238 -0.22 9.11 23.54
N THR A 239 -0.06 9.13 22.22
CA THR A 239 -0.99 8.55 21.28
C THR A 239 -0.89 7.04 21.29
N LEU A 240 -1.97 6.37 21.70
CA LEU A 240 -2.05 4.92 21.54
C LEU A 240 -2.70 4.56 20.21
N HIS A 241 -2.08 3.64 19.47
CA HIS A 241 -2.63 3.29 18.17
C HIS A 241 -2.23 1.86 17.75
N MET A 242 -3.20 1.12 17.25
CA MET A 242 -2.98 -0.26 16.85
C MET A 242 -3.64 -0.60 15.53
N ALA A 243 -4.75 0.06 15.21
CA ALA A 243 -5.59 -0.39 14.12
C ALA A 243 -5.07 -0.08 12.72
N ASN A 244 -5.25 -1.06 11.85
CA ASN A 244 -5.07 -0.91 10.44
C ASN A 244 -6.44 -0.90 9.75
N THR A 245 -6.45 -1.00 8.42
CA THR A 245 -7.72 -0.95 7.68
C THR A 245 -8.72 -1.98 8.19
N PHE A 246 -8.28 -3.23 8.32
CA PHE A 246 -9.25 -4.25 8.65
C PHE A 246 -9.84 -4.03 10.05
N ALA A 247 -8.98 -3.72 11.03
CA ALA A 247 -9.44 -3.44 12.38
C ALA A 247 -10.34 -2.21 12.43
N THR A 248 -9.99 -1.17 11.68
CA THR A 248 -10.75 0.09 11.74
C THR A 248 -12.22 -0.11 11.30
N ILE A 249 -12.41 -0.95 10.28
CA ILE A 249 -13.72 -1.25 9.73
C ILE A 249 -14.47 -2.27 10.59
N THR A 250 -13.76 -3.20 11.21
CA THR A 250 -14.39 -4.43 11.73
C THR A 250 -14.58 -4.39 13.26
N VAL A 251 -13.71 -3.66 13.95
CA VAL A 251 -13.62 -3.71 15.41
C VAL A 251 -13.45 -2.27 15.94
N PRO A 252 -14.57 -1.56 16.09
CA PRO A 252 -14.59 -0.15 16.50
C PRO A 252 -13.84 0.10 17.81
N GLU A 253 -13.73 -0.92 18.66
CA GLU A 253 -13.06 -0.76 19.97
C GLU A 253 -11.54 -0.51 19.74
N SER A 254 -11.06 -0.88 18.53
CA SER A 254 -9.62 -0.76 18.13
C SER A 254 -9.11 0.65 17.93
N TRP A 255 -10.00 1.61 17.72
CA TRP A 255 -9.60 2.92 17.17
C TRP A 255 -8.63 3.67 18.07
N LEU A 256 -8.83 3.58 19.41
CA LEU A 256 -7.93 4.17 20.35
C LEU A 256 -7.72 5.65 20.02
N ASP A 257 -6.49 6.14 20.10
CA ASP A 257 -6.21 7.58 19.83
C ASP A 257 -6.01 7.91 18.35
N MET A 258 -5.65 6.90 17.57
CA MET A 258 -5.32 7.08 16.15
C MET A 258 -5.41 5.72 15.42
N VAL A 259 -5.88 5.73 14.18
CA VAL A 259 -5.87 4.54 13.31
C VAL A 259 -4.82 4.75 12.21
N ARG A 260 -4.20 3.67 11.76
CA ARG A 260 -3.17 3.74 10.69
C ARG A 260 -3.68 2.98 9.46
N VAL A 261 -4.31 3.71 8.54
CA VAL A 261 -4.97 3.05 7.45
C VAL A 261 -4.36 3.32 6.10
N GLY A 262 -4.35 2.26 5.31
CA GLY A 262 -3.74 2.27 3.97
C GLY A 262 -4.69 1.80 2.89
N GLY A 263 -4.94 0.49 2.87
CA GLY A 263 -5.59 -0.10 1.72
C GLY A 263 -7.01 0.45 1.58
N ILE A 264 -7.54 0.96 2.69
CA ILE A 264 -8.87 1.58 2.71
C ILE A 264 -9.00 2.66 1.62
N PHE A 265 -7.90 3.38 1.34
CA PHE A 265 -7.99 4.45 0.36
C PHE A 265 -8.19 3.99 -1.10
N TYR A 266 -8.00 2.69 -1.37
CA TYR A 266 -7.97 2.20 -2.74
C TYR A 266 -8.95 1.04 -2.84
N GLY A 267 -9.89 0.99 -1.89
CA GLY A 267 -10.90 -0.08 -1.86
C GLY A 267 -10.29 -1.46 -1.72
N ASP A 268 -9.11 -1.51 -1.08
CA ASP A 268 -8.31 -2.73 -1.00
C ASP A 268 -8.49 -3.35 0.37
N THR A 269 -9.59 -4.04 0.61
CA THR A 269 -9.82 -4.59 1.93
C THR A 269 -10.83 -5.70 1.90
N ILE A 270 -10.53 -6.76 2.65
CA ILE A 270 -11.39 -7.94 2.75
C ILE A 270 -12.63 -7.60 3.63
N ALA A 271 -12.60 -6.44 4.29
CA ALA A 271 -13.60 -6.08 5.31
C ALA A 271 -14.82 -5.27 4.79
N SER A 272 -14.73 -4.78 3.56
CA SER A 272 -15.79 -3.95 2.98
C SER A 272 -15.71 -3.98 1.45
N THR A 273 -16.84 -3.69 0.79
CA THR A 273 -16.83 -3.45 -0.65
C THR A 273 -17.37 -2.06 -0.96
N ASP A 274 -17.50 -1.22 0.06
CA ASP A 274 -18.02 0.13 -0.14
C ASP A 274 -17.01 1.20 -0.44
N TYR A 275 -15.72 0.89 -0.24
CA TYR A 275 -14.62 1.77 -0.65
C TYR A 275 -14.27 1.46 -2.12
N LYS A 276 -14.08 2.49 -2.90
CA LYS A 276 -14.00 2.34 -4.38
C LYS A 276 -12.57 1.98 -4.83
N ARG A 277 -12.44 1.07 -5.80
CA ARG A 277 -11.13 0.91 -6.51
C ARG A 277 -10.71 2.16 -7.24
N VAL A 278 -9.39 2.37 -7.32
CA VAL A 278 -8.84 3.66 -7.72
C VAL A 278 -8.05 3.53 -9.03
N MET A 279 -7.45 2.35 -9.24
CA MET A 279 -6.60 2.04 -10.41
C MET A 279 -7.36 1.48 -11.63
N THR A 280 -7.02 1.92 -12.84
CA THR A 280 -7.41 1.16 -14.06
C THR A 280 -6.15 1.03 -14.93
N PHE A 281 -5.79 -0.19 -15.27
CA PHE A 281 -4.47 -0.43 -16.02
C PHE A 281 -4.78 -0.64 -17.47
N LYS A 282 -4.25 0.22 -18.35
CA LYS A 282 -4.68 0.23 -19.73
C LYS A 282 -3.45 0.14 -20.69
N SER A 283 -3.72 -0.27 -21.90
CA SER A 283 -2.81 -0.10 -23.02
C SER A 283 -3.67 0.01 -24.32
N ASN A 284 -3.08 -0.28 -25.49
CA ASN A 284 -3.79 -0.21 -26.78
C ASN A 284 -3.25 -1.33 -27.66
N ILE A 285 -4.00 -1.73 -28.68
CA ILE A 285 -3.53 -2.77 -29.61
C ILE A 285 -2.42 -2.23 -30.54
N ALA A 286 -1.21 -2.83 -30.54
CA ALA A 286 -0.11 -2.41 -31.47
C ALA A 286 -0.24 -3.03 -32.89
N SER A 287 -0.74 -4.27 -33.00
CA SER A 287 -0.95 -4.90 -34.29
C SER A 287 -2.00 -5.98 -34.16
N ILE A 288 -2.68 -6.24 -35.26
CA ILE A 288 -3.69 -7.31 -35.36
C ILE A 288 -3.25 -8.29 -36.43
N ASN A 289 -2.97 -9.53 -36.03
CA ASN A 289 -2.21 -10.45 -36.86
C ASN A 289 -3.06 -11.65 -37.18
N TYR A 290 -3.06 -12.04 -38.44
CA TYR A 290 -3.77 -13.27 -38.89
C TYR A 290 -2.84 -14.48 -38.94
N TYR A 291 -3.21 -15.55 -38.27
CA TYR A 291 -2.36 -16.73 -38.31
C TYR A 291 -3.22 -17.99 -38.48
N PRO A 292 -2.67 -18.98 -39.17
CA PRO A 292 -3.35 -20.28 -39.48
C PRO A 292 -3.51 -21.17 -38.27
N LYS A 293 -4.56 -21.97 -38.27
CA LYS A 293 -4.61 -23.14 -37.39
C LYS A 293 -3.24 -23.86 -37.38
N GLY A 294 -2.81 -24.35 -36.22
CA GLY A 294 -1.55 -25.13 -36.14
C GLY A 294 -0.33 -24.30 -35.73
N ASN A 295 -0.37 -23.01 -36.02
CA ASN A 295 0.67 -22.10 -35.52
C ASN A 295 0.71 -22.15 -33.99
N THR A 296 1.85 -21.79 -33.41
CA THR A 296 1.94 -21.72 -31.96
C THR A 296 2.24 -20.29 -31.54
N VAL A 297 2.05 -19.98 -30.26
CA VAL A 297 2.22 -18.63 -29.77
C VAL A 297 3.28 -18.52 -28.66
N GLY A 298 4.27 -17.66 -28.89
CA GLY A 298 5.07 -17.20 -27.76
C GLY A 298 6.30 -18.07 -27.52
N TYR A 299 7.10 -17.71 -26.52
CA TYR A 299 8.30 -18.54 -26.15
C TYR A 299 7.90 -19.99 -25.76
N ASP A 300 8.74 -20.92 -26.20
CA ASP A 300 8.50 -22.40 -26.00
C ASP A 300 7.19 -22.91 -26.60
N ARG A 301 6.57 -22.13 -27.47
CA ARG A 301 5.41 -22.62 -28.26
C ARG A 301 4.30 -23.30 -27.42
N THR A 302 3.98 -22.70 -26.27
CA THR A 302 3.15 -23.29 -25.20
C THR A 302 1.65 -23.26 -25.48
N TYR A 303 1.24 -22.49 -26.47
CA TYR A 303 -0.15 -22.46 -26.92
C TYR A 303 -0.27 -22.70 -28.43
N THR A 304 -1.07 -23.69 -28.81
CA THR A 304 -1.30 -24.03 -30.23
C THR A 304 -2.67 -23.55 -30.71
N LEU A 305 -2.70 -22.83 -31.83
CA LEU A 305 -3.96 -22.29 -32.33
C LEU A 305 -4.84 -23.47 -32.86
N LYS A 306 -6.11 -23.50 -32.45
CA LYS A 306 -7.03 -24.59 -32.85
C LYS A 306 -7.88 -24.24 -34.10
N ARG A 307 -7.66 -23.05 -34.62
CA ARG A 307 -8.48 -22.48 -35.68
C ARG A 307 -7.61 -21.38 -36.28
N ASP A 308 -7.85 -21.04 -37.53
CA ASP A 308 -7.37 -19.76 -38.07
C ASP A 308 -7.75 -18.66 -37.09
N SER A 309 -6.82 -17.76 -36.79
CA SER A 309 -7.02 -16.88 -35.63
C SER A 309 -6.64 -15.46 -36.00
N VAL A 310 -7.22 -14.55 -35.27
CA VAL A 310 -6.88 -13.12 -35.31
C VAL A 310 -6.36 -12.72 -33.91
N LEU A 311 -5.09 -12.30 -33.85
CA LEU A 311 -4.42 -12.12 -32.55
C LEU A 311 -4.06 -10.66 -32.38
N ALA A 312 -4.40 -10.11 -31.22
CA ALA A 312 -3.97 -8.73 -30.85
C ALA A 312 -2.65 -8.72 -30.11
N ASN A 313 -1.71 -7.97 -30.65
CA ASN A 313 -0.41 -7.79 -30.05
C ASN A 313 -0.46 -6.47 -29.30
N ILE A 314 -0.21 -6.52 -28.00
CA ILE A 314 -0.41 -5.41 -27.05
C ILE A 314 0.97 -5.17 -26.44
N PRO A 315 1.40 -3.91 -26.35
CA PRO A 315 2.76 -3.70 -25.85
C PRO A 315 2.86 -3.60 -24.32
N VAL A 316 2.37 -4.61 -23.63
CA VAL A 316 2.53 -4.77 -22.22
C VAL A 316 3.12 -6.16 -21.99
N GLY A 317 4.13 -6.24 -21.11
CA GLY A 317 4.76 -7.54 -20.78
C GLY A 317 5.21 -7.57 -19.34
N TYR A 318 6.09 -8.50 -19.02
CA TYR A 318 6.53 -8.57 -17.63
C TYR A 318 7.39 -7.40 -17.10
N ALA A 319 7.96 -6.62 -18.00
CA ALA A 319 8.66 -5.39 -17.61
C ALA A 319 7.66 -4.32 -17.20
N ASP A 320 6.41 -4.55 -17.56
CA ASP A 320 5.33 -3.68 -17.07
C ASP A 320 4.61 -4.38 -15.90
N GLY A 321 5.27 -5.36 -15.29
CA GLY A 321 4.69 -6.09 -14.15
C GLY A 321 3.60 -7.05 -14.54
N TYR A 322 3.40 -7.21 -15.84
CA TYR A 322 2.42 -8.22 -16.33
C TYR A 322 3.09 -9.58 -16.40
N ARG A 323 3.31 -10.14 -15.22
CA ARG A 323 4.32 -11.17 -15.01
C ARG A 323 3.99 -12.49 -15.71
N ARG A 324 4.98 -13.40 -15.68
CA ARG A 324 4.89 -14.70 -16.31
C ARG A 324 3.79 -15.54 -15.69
N VAL A 325 3.42 -15.16 -14.48
CA VAL A 325 2.26 -15.71 -13.81
C VAL A 325 0.96 -15.60 -14.70
N PHE A 326 0.93 -14.63 -15.62
CA PHE A 326 -0.24 -14.43 -16.48
C PHE A 326 -0.23 -15.28 -17.75
N SER A 327 0.86 -16.04 -17.96
CA SER A 327 1.06 -16.84 -19.16
C SER A 327 -0.07 -17.88 -19.30
N ASN A 328 -0.78 -17.85 -20.43
CA ASN A 328 -1.93 -18.79 -20.68
C ASN A 328 -2.98 -18.75 -19.58
N ALA A 329 -3.10 -17.62 -18.89
CA ALA A 329 -3.93 -17.53 -17.70
C ALA A 329 -4.67 -16.21 -17.61
N GLY A 330 -3.99 -15.13 -17.98
CA GLY A 330 -4.62 -13.82 -17.93
C GLY A 330 -5.80 -13.58 -18.88
N HIS A 331 -6.51 -12.50 -18.59
CA HIS A 331 -7.48 -11.95 -19.50
C HIS A 331 -7.34 -10.46 -19.62
N ALA A 332 -7.73 -9.94 -20.75
CA ALA A 332 -7.79 -8.50 -20.96
C ALA A 332 -9.19 -8.14 -21.39
N LEU A 333 -9.50 -6.88 -21.40
CA LEU A 333 -10.79 -6.46 -21.94
C LEU A 333 -10.57 -5.71 -23.22
N ILE A 334 -11.24 -6.14 -24.27
CA ILE A 334 -11.23 -5.36 -25.55
C ILE A 334 -12.67 -5.35 -26.09
N ALA A 335 -13.11 -4.18 -26.58
CA ALA A 335 -14.50 -3.97 -27.03
C ALA A 335 -15.52 -4.40 -25.97
N GLY A 336 -15.18 -4.21 -24.69
CA GLY A 336 -16.10 -4.50 -23.61
C GLY A 336 -16.23 -5.99 -23.32
N GLN A 337 -15.32 -6.78 -23.88
CA GLN A 337 -15.38 -8.21 -23.75
C GLN A 337 -14.05 -8.78 -23.24
N ARG A 338 -14.18 -9.86 -22.43
CA ARG A 338 -13.02 -10.53 -21.87
C ARG A 338 -12.42 -11.51 -22.87
N VAL A 339 -11.12 -11.32 -23.19
CA VAL A 339 -10.39 -12.17 -24.13
C VAL A 339 -9.09 -12.67 -23.48
N PRO A 340 -8.59 -13.86 -23.89
CA PRO A 340 -7.53 -14.53 -23.17
C PRO A 340 -6.17 -14.19 -23.71
N VAL A 341 -5.22 -14.12 -22.80
CA VAL A 341 -3.79 -14.08 -23.08
C VAL A 341 -3.36 -15.45 -23.58
N LEU A 342 -2.63 -15.48 -24.71
CA LEU A 342 -2.14 -16.70 -25.31
C LEU A 342 -0.64 -16.82 -25.14
N GLY A 343 -0.21 -17.96 -24.60
CA GLY A 343 1.23 -18.27 -24.46
C GLY A 343 1.90 -17.50 -23.33
N LYS A 344 3.21 -17.51 -23.33
CA LYS A 344 3.99 -16.93 -22.23
C LYS A 344 4.01 -15.45 -22.48
N THR A 345 3.93 -14.66 -21.40
CA THR A 345 4.12 -13.23 -21.53
C THR A 345 5.55 -12.99 -22.02
N SER A 346 5.74 -11.98 -22.87
CA SER A 346 7.12 -11.61 -23.23
C SER A 346 7.53 -10.45 -22.34
N MET A 347 8.78 -9.99 -22.47
CA MET A 347 9.18 -8.88 -21.61
C MET A 347 8.27 -7.66 -21.87
N ASN A 348 7.98 -7.34 -23.14
CA ASN A 348 7.34 -6.10 -23.44
C ASN A 348 6.04 -6.21 -24.23
N THR A 349 5.55 -7.44 -24.46
CA THR A 349 4.44 -7.72 -25.40
C THR A 349 3.67 -8.90 -24.90
N VAL A 350 2.36 -8.75 -24.94
CA VAL A 350 1.43 -9.85 -24.69
C VAL A 350 0.52 -10.04 -25.96
N ILE A 351 0.12 -11.29 -26.22
CA ILE A 351 -0.77 -11.58 -27.35
C ILE A 351 -2.09 -12.10 -26.71
N VAL A 352 -3.18 -11.56 -27.21
CA VAL A 352 -4.54 -11.94 -26.77
C VAL A 352 -5.35 -12.37 -28.00
N ASP A 353 -6.28 -13.34 -27.81
CA ASP A 353 -7.06 -13.86 -28.91
C ASP A 353 -8.30 -12.99 -29.17
N ILE A 354 -8.36 -12.37 -30.35
CA ILE A 354 -9.53 -11.54 -30.67
C ILE A 354 -10.40 -12.14 -31.81
N THR A 355 -10.20 -13.44 -32.06
CA THR A 355 -10.76 -14.13 -33.22
C THR A 355 -12.29 -14.04 -33.10
N SER A 356 -12.78 -13.94 -31.86
CA SER A 356 -14.21 -13.96 -31.58
C SER A 356 -14.83 -12.56 -31.53
N LEU A 357 -14.02 -11.53 -31.73
CA LEU A 357 -14.53 -10.17 -31.81
C LEU A 357 -14.65 -9.78 -33.28
N ASN A 358 -15.22 -8.63 -33.57
CA ASN A 358 -14.99 -8.02 -34.87
C ASN A 358 -15.05 -6.53 -34.88
N ASN A 359 -14.66 -5.97 -36.02
CA ASN A 359 -14.44 -4.53 -36.17
C ASN A 359 -13.41 -3.96 -35.19
N ILE A 360 -12.41 -4.77 -34.84
CA ILE A 360 -11.36 -4.29 -33.93
C ILE A 360 -10.29 -3.58 -34.75
N LYS A 361 -9.79 -2.46 -34.23
CA LYS A 361 -8.83 -1.63 -34.96
C LYS A 361 -7.54 -1.44 -34.15
N PRO A 362 -6.40 -1.36 -34.85
CA PRO A 362 -5.19 -0.92 -34.18
C PRO A 362 -5.47 0.33 -33.38
N GLY A 363 -4.86 0.43 -32.18
CA GLY A 363 -5.02 1.61 -31.30
C GLY A 363 -6.21 1.54 -30.39
N ASP A 364 -7.01 0.50 -30.57
CA ASP A 364 -8.14 0.26 -29.67
C ASP A 364 -7.68 0.03 -28.23
N GLU A 365 -8.45 0.59 -27.30
CA GLU A 365 -8.11 0.54 -25.90
C GLU A 365 -8.28 -0.84 -25.29
N VAL A 366 -7.27 -1.24 -24.52
CA VAL A 366 -7.25 -2.54 -23.85
C VAL A 366 -7.14 -2.32 -22.35
N VAL A 367 -7.90 -3.09 -21.56
CA VAL A 367 -7.90 -2.95 -20.10
C VAL A 367 -7.47 -4.23 -19.45
N PHE A 368 -6.46 -4.14 -18.57
CA PHE A 368 -5.92 -5.31 -17.90
C PHE A 368 -6.37 -5.37 -16.45
N PHE A 369 -6.74 -4.24 -15.90
CA PHE A 369 -7.40 -4.23 -14.58
C PHE A 369 -8.40 -3.13 -14.55
N GLY A 370 -9.61 -3.42 -14.06
CA GLY A 370 -10.68 -2.42 -14.09
C GLY A 370 -11.84 -2.74 -15.02
N LYS A 371 -12.62 -1.71 -15.36
CA LYS A 371 -13.87 -1.88 -16.10
C LYS A 371 -13.71 -1.41 -17.55
N GLN A 372 -14.46 -2.04 -18.46
CA GLN A 372 -14.62 -1.57 -19.85
C GLN A 372 -15.98 -2.11 -20.36
N GLY A 373 -16.86 -1.18 -20.75
CA GLY A 373 -18.25 -1.55 -21.09
C GLY A 373 -18.84 -2.35 -19.93
N ASN A 374 -19.43 -3.50 -20.22
CA ASN A 374 -19.97 -4.35 -19.16
C ASN A 374 -19.10 -5.55 -18.76
N SER A 375 -17.79 -5.43 -19.01
CA SER A 375 -16.83 -6.40 -18.53
C SER A 375 -15.93 -5.80 -17.44
N GLU A 376 -15.31 -6.68 -16.67
CA GLU A 376 -14.39 -6.28 -15.59
C GLU A 376 -13.30 -7.31 -15.36
N ILE A 377 -12.10 -6.83 -15.05
CA ILE A 377 -11.10 -7.68 -14.42
C ILE A 377 -11.05 -7.32 -12.96
N THR A 378 -11.28 -8.29 -12.09
CA THR A 378 -11.39 -8.00 -10.64
C THR A 378 -10.06 -8.21 -9.91
N ALA A 379 -9.90 -7.56 -8.75
CA ALA A 379 -8.79 -7.88 -7.84
C ALA A 379 -8.69 -9.36 -7.52
N GLU A 380 -9.82 -10.04 -7.44
CA GLU A 380 -9.80 -11.38 -6.96
C GLU A 380 -9.16 -12.38 -7.91
N GLU A 381 -9.38 -12.16 -9.21
CA GLU A 381 -8.86 -13.01 -10.22
C GLU A 381 -7.36 -12.72 -10.40
N ILE A 382 -6.99 -11.47 -10.19
CA ILE A 382 -5.55 -11.09 -10.18
C ILE A 382 -4.80 -11.84 -9.05
N GLU A 383 -5.38 -11.86 -7.84
CA GLU A 383 -4.81 -12.63 -6.72
C GLU A 383 -4.72 -14.11 -7.04
N ASP A 384 -5.76 -14.66 -7.63
CA ASP A 384 -5.74 -16.10 -7.92
C ASP A 384 -4.69 -16.51 -8.96
N ILE A 385 -4.59 -15.73 -10.03
CA ILE A 385 -3.55 -16.02 -11.02
C ILE A 385 -2.17 -15.84 -10.38
N SER A 386 -2.00 -14.72 -9.66
CA SER A 386 -0.66 -14.29 -9.17
C SER A 386 -0.16 -15.11 -7.96
N GLY A 387 -1.10 -15.67 -7.23
CA GLY A 387 -0.77 -16.34 -6.00
C GLY A 387 -0.39 -15.46 -4.81
N ALA A 388 -0.75 -14.17 -4.83
CA ALA A 388 -0.38 -13.24 -3.78
C ALA A 388 -1.43 -12.13 -3.64
N LEU A 389 -1.43 -11.39 -2.54
CA LEU A 389 -2.46 -10.31 -2.37
C LEU A 389 -2.36 -9.23 -3.45
N PHE A 390 -3.47 -8.56 -3.67
CA PHE A 390 -3.57 -7.62 -4.77
C PHE A 390 -2.61 -6.46 -4.57
N THR A 391 -2.34 -6.11 -3.32
CA THR A 391 -1.56 -4.90 -3.02
C THR A 391 -0.15 -5.08 -3.61
N GLU A 392 0.37 -6.31 -3.59
CA GLU A 392 1.71 -6.54 -4.20
C GLU A 392 1.64 -6.20 -5.70
N MET A 393 0.56 -6.64 -6.38
CA MET A 393 0.37 -6.35 -7.80
C MET A 393 0.22 -4.89 -8.11
N SER A 394 -0.66 -4.21 -7.38
CA SER A 394 -0.85 -2.76 -7.62
C SER A 394 0.48 -1.99 -7.43
N ILE A 395 1.26 -2.41 -6.45
CA ILE A 395 2.57 -1.73 -6.16
C ILE A 395 3.50 -1.99 -7.33
N LEU A 396 3.58 -3.25 -7.76
CA LEU A 396 4.49 -3.57 -8.87
C LEU A 396 4.05 -3.05 -10.24
N TRP A 397 2.75 -3.02 -10.51
CA TRP A 397 2.25 -2.26 -11.65
C TRP A 397 2.58 -0.77 -11.55
N GLY A 398 2.43 -0.19 -10.38
CA GLY A 398 2.62 1.24 -10.20
C GLY A 398 4.09 1.60 -10.42
N ALA A 399 4.97 0.66 -10.03
CA ALA A 399 6.43 0.89 -10.23
C ALA A 399 6.92 0.81 -11.67
N THR A 400 6.14 0.17 -12.54
CA THR A 400 6.52 -0.10 -13.89
C THR A 400 5.62 0.49 -15.01
N ASN A 401 4.69 1.42 -14.62
CA ASN A 401 3.78 2.06 -15.59
C ASN A 401 3.45 3.44 -15.13
N GLN A 402 3.33 4.38 -16.07
CA GLN A 402 3.03 5.75 -15.73
C GLN A 402 1.64 5.82 -15.06
N ARG A 403 1.50 6.65 -14.02
CA ARG A 403 0.21 6.87 -13.36
C ARG A 403 -0.33 8.22 -13.87
N VAL A 404 -1.61 8.25 -14.21
CA VAL A 404 -2.17 9.51 -14.75
C VAL A 404 -3.42 9.78 -13.98
N LEU A 405 -3.50 10.98 -13.37
CA LEU A 405 -4.70 11.36 -12.56
C LEU A 405 -5.88 11.63 -13.50
N VAL A 406 -7.00 10.99 -13.20
CA VAL A 406 -8.22 11.16 -13.97
C VAL A 406 -9.37 11.57 -13.03
N ASP A 407 -10.52 11.90 -13.63
CA ASP A 407 -11.72 12.30 -12.88
C ASP A 407 -11.50 13.59 -12.09
#